data_1D0E
#
_entry.id   1D0E
#
_cell.length_a   66.160
_cell.length_b   63.540
_cell.length_c   73.500
_cell.angle_alpha   90.00
_cell.angle_beta   103.85
_cell.angle_gamma   90.00
#
_symmetry.space_group_name_H-M   'P 1 21 1'
#
loop_
_entity.id
_entity.type
_entity.pdbx_description
1 polymer "5'-D(*TP*TP*TP*CP*AP*TP*GP*CP*AP*TP*G)-3'"
2 polymer 'REVERSE TRANSCRIPTASE'
#
loop_
_entity_poly.entity_id
_entity_poly.type
_entity_poly.pdbx_seq_one_letter_code
_entity_poly.pdbx_strand_id
1 'polydeoxyribonucleotide' (DT)(DT)(DT)(DC)(DA)(DT)(DG)(DC)(DA)(DT)(DG) E,F
2 'polypeptide(L)'
;GSHMTWLSDFPQAWAETGGMGLAVRQAPLIIPLKATSTPVSIKQYPMSQEARLGIKPHIQRLLDQGILVPCQSPWNTPLL
PVKKPGTNDYRPVQDLREVNKRVEDIHPTVPNPYNLLSGLPPSHQWYTVLDLKDAFFCLRLHPTSQPLFAFEWRDPEMGI
SGQLTWTRLPQGFKNSPTLFDEALHRDLADFRIQHPDLILLQYVDDLLLAATSELDCQQGTRALLQTLGNLGYRASAKKA
QICQKQVKYLGYLLKEGQR
;
A,B
#
# COMPACT_ATOMS: atom_id res chain seq x y z
N GLY C 1 -19.11 -12.73 -24.26
CA GLY C 1 -19.91 -13.99 -24.34
C GLY C 1 -20.49 -14.37 -23.00
N SER C 2 -19.65 -14.89 -22.12
CA SER C 2 -20.07 -15.28 -20.79
C SER C 2 -19.41 -14.25 -19.88
N HIS C 3 -20.04 -13.95 -18.75
CA HIS C 3 -19.46 -12.96 -17.84
C HIS C 3 -18.14 -13.46 -17.34
N MET C 4 -18.06 -14.79 -17.19
CA MET C 4 -16.87 -15.46 -16.70
C MET C 4 -15.71 -15.43 -17.70
N THR C 5 -16.00 -15.17 -18.98
CA THR C 5 -14.88 -15.10 -19.93
C THR C 5 -14.12 -13.85 -19.55
N TRP C 6 -14.86 -12.78 -19.28
CA TRP C 6 -14.25 -11.50 -18.90
C TRP C 6 -13.62 -11.58 -17.52
N LEU C 7 -14.27 -12.32 -16.62
CA LEU C 7 -13.79 -12.45 -15.27
C LEU C 7 -12.46 -13.21 -15.25
N SER C 8 -12.41 -14.35 -15.93
CA SER C 8 -11.20 -15.17 -15.99
C SER C 8 -10.03 -14.52 -16.76
N ASP C 9 -10.34 -13.82 -17.85
CA ASP C 9 -9.30 -13.15 -18.65
C ASP C 9 -8.74 -11.86 -18.04
N PHE C 10 -9.30 -11.43 -16.90
CA PHE C 10 -8.87 -10.20 -16.23
C PHE C 10 -9.10 -10.21 -14.73
N PRO C 11 -8.55 -11.20 -14.02
CA PRO C 11 -8.74 -11.26 -12.56
C PRO C 11 -8.08 -10.10 -11.81
N GLN C 12 -7.04 -9.51 -12.40
CA GLN C 12 -6.33 -8.40 -11.79
C GLN C 12 -7.27 -7.20 -11.58
N ALA C 13 -8.15 -6.95 -12.56
CA ALA C 13 -9.07 -5.82 -12.51
C ALA C 13 -10.28 -5.95 -11.59
N TRP C 14 -11.02 -7.04 -11.71
CA TRP C 14 -12.22 -7.29 -10.91
C TRP C 14 -12.00 -7.34 -9.38
N ALA C 15 -12.90 -6.71 -8.64
CA ALA C 15 -12.81 -6.70 -7.18
C ALA C 15 -13.06 -8.09 -6.61
N GLU C 16 -14.08 -8.76 -7.14
CA GLU C 16 -14.46 -10.10 -6.69
C GLU C 16 -13.31 -11.10 -6.72
N THR C 17 -12.64 -11.16 -7.86
CA THR C 17 -11.54 -12.09 -8.05
C THR C 17 -10.32 -11.32 -8.45
N GLY C 18 -9.64 -10.72 -7.48
CA GLY C 18 -8.45 -9.95 -7.82
C GLY C 18 -7.89 -9.13 -6.69
N GLY C 19 -8.39 -9.36 -5.48
CA GLY C 19 -7.91 -8.62 -4.32
C GLY C 19 -8.40 -7.18 -4.24
N MET C 20 -8.19 -6.54 -3.09
CA MET C 20 -8.63 -5.16 -2.94
C MET C 20 -7.69 -4.24 -3.68
N GLY C 21 -8.27 -3.29 -4.41
CA GLY C 21 -7.49 -2.34 -5.18
C GLY C 21 -6.70 -1.35 -4.34
N LEU C 22 -5.78 -0.67 -5.00
CA LEU C 22 -4.92 0.31 -4.36
C LEU C 22 -4.23 1.10 -5.47
N ALA C 23 -4.61 2.38 -5.62
CA ALA C 23 -4.03 3.24 -6.65
C ALA C 23 -2.53 3.35 -6.45
N VAL C 24 -1.76 2.63 -7.26
CA VAL C 24 -0.30 2.63 -7.11
C VAL C 24 0.45 3.87 -7.59
N ARG C 25 -0.04 4.47 -8.67
CA ARG C 25 0.58 5.66 -9.24
C ARG C 25 0.20 6.91 -8.45
N GLN C 26 -0.67 6.73 -7.47
CA GLN C 26 -1.18 7.83 -6.64
C GLN C 26 -0.51 8.02 -5.30
N ALA C 27 0.13 9.17 -5.12
CA ALA C 27 0.79 9.50 -3.86
C ALA C 27 -0.19 9.66 -2.69
N PRO C 28 0.34 9.52 -1.46
CA PRO C 28 -0.52 9.67 -0.28
C PRO C 28 -1.14 11.05 -0.36
N LEU C 29 -2.36 11.18 0.15
CA LEU C 29 -3.03 12.46 0.13
C LEU C 29 -2.86 13.17 1.47
N ILE C 30 -2.63 14.47 1.41
CA ILE C 30 -2.54 15.23 2.65
C ILE C 30 -3.91 15.88 2.76
N ILE C 31 -4.35 16.14 3.98
CA ILE C 31 -5.66 16.76 4.12
C ILE C 31 -5.52 18.07 4.85
N PRO C 32 -5.23 19.14 4.09
CA PRO C 32 -5.05 20.50 4.60
C PRO C 32 -6.24 20.90 5.45
N LEU C 33 -5.96 21.41 6.65
CA LEU C 33 -7.02 21.84 7.58
C LEU C 33 -7.30 23.33 7.44
N LYS C 34 -8.39 23.78 8.04
CA LYS C 34 -8.75 25.17 8.03
C LYS C 34 -7.64 25.91 8.78
N ALA C 35 -7.32 27.11 8.30
CA ALA C 35 -6.29 27.92 8.89
C ALA C 35 -6.17 27.85 10.40
N THR C 36 -7.27 27.57 11.10
CA THR C 36 -7.23 27.54 12.57
C THR C 36 -7.86 26.37 13.31
N SER C 37 -8.18 25.30 12.60
CA SER C 37 -8.80 24.16 13.25
C SER C 37 -7.85 23.55 14.27
N THR C 38 -8.44 22.88 15.26
CA THR C 38 -7.69 22.23 16.32
C THR C 38 -8.34 20.86 16.57
N PRO C 39 -7.53 19.83 16.91
CA PRO C 39 -8.10 18.50 17.17
C PRO C 39 -9.32 18.55 18.10
N VAL C 40 -10.33 17.79 17.72
CA VAL C 40 -11.57 17.71 18.47
C VAL C 40 -11.87 16.22 18.70
N SER C 41 -11.98 15.80 19.97
CA SER C 41 -12.26 14.41 20.27
C SER C 41 -13.69 14.12 20.75
N ILE C 42 -14.58 13.78 19.80
CA ILE C 42 -15.98 13.44 20.13
C ILE C 42 -15.96 12.05 20.77
N LYS C 43 -16.90 11.78 21.67
CA LYS C 43 -16.93 10.48 22.33
C LYS C 43 -17.88 9.45 21.70
N GLN C 44 -17.49 8.18 21.80
CA GLN C 44 -18.24 7.07 21.24
C GLN C 44 -19.48 6.74 22.08
N TYR C 45 -20.66 6.93 21.48
CA TYR C 45 -21.89 6.65 22.22
C TYR C 45 -21.88 5.18 22.65
N PRO C 46 -22.20 4.91 23.94
CA PRO C 46 -22.24 3.54 24.45
C PRO C 46 -22.89 2.59 23.46
N MET C 47 -22.14 1.55 23.10
CA MET C 47 -22.55 0.53 22.12
C MET C 47 -22.80 -0.86 22.70
N SER C 48 -23.99 -1.39 22.42
CA SER C 48 -24.37 -2.72 22.90
C SER C 48 -23.60 -3.82 22.16
N GLN C 49 -22.79 -4.58 22.87
CA GLN C 49 -22.02 -5.64 22.24
C GLN C 49 -22.86 -6.37 21.18
N GLU C 50 -24.16 -6.53 21.45
CA GLU C 50 -25.07 -7.20 20.52
C GLU C 50 -24.91 -6.59 19.13
N ALA C 51 -24.60 -5.30 19.09
CA ALA C 51 -24.43 -4.59 17.83
C ALA C 51 -22.96 -4.42 17.42
N ARG C 52 -22.07 -4.39 18.42
CA ARG C 52 -20.64 -4.23 18.15
C ARG C 52 -20.15 -5.38 17.28
N LEU C 53 -20.27 -6.59 17.77
CA LEU C 53 -19.85 -7.75 16.99
C LEU C 53 -20.72 -7.89 15.74
N GLY C 54 -21.79 -7.10 15.68
CA GLY C 54 -22.67 -7.14 14.53
C GLY C 54 -21.99 -6.34 13.46
N ILE C 55 -21.06 -5.49 13.89
CA ILE C 55 -20.29 -4.65 12.98
C ILE C 55 -18.80 -4.99 12.99
N LYS C 56 -18.39 -5.86 13.91
CA LYS C 56 -17.00 -6.26 14.04
C LYS C 56 -16.39 -6.90 12.78
N PRO C 57 -17.16 -7.72 12.05
CA PRO C 57 -16.57 -8.33 10.85
C PRO C 57 -16.16 -7.28 9.82
N HIS C 58 -16.88 -6.16 9.83
CA HIS C 58 -16.60 -5.05 8.93
C HIS C 58 -15.22 -4.47 9.26
N ILE C 59 -15.01 -4.16 10.53
CA ILE C 59 -13.74 -3.61 10.98
C ILE C 59 -12.63 -4.60 10.73
N GLN C 60 -12.97 -5.89 10.79
CA GLN C 60 -11.99 -6.96 10.59
C GLN C 60 -11.37 -7.02 9.20
N ARG C 61 -12.19 -7.23 8.18
CA ARG C 61 -11.62 -7.30 6.84
C ARG C 61 -10.78 -6.06 6.59
N LEU C 62 -11.14 -4.94 7.20
CA LEU C 62 -10.42 -3.67 7.03
C LEU C 62 -9.12 -3.62 7.82
N LEU C 63 -9.16 -4.17 9.03
CA LEU C 63 -8.01 -4.21 9.89
C LEU C 63 -6.98 -5.12 9.24
N ASP C 64 -7.47 -6.25 8.71
CA ASP C 64 -6.61 -7.23 8.04
C ASP C 64 -5.96 -6.67 6.79
N GLN C 65 -6.73 -5.92 6.02
CA GLN C 65 -6.23 -5.30 4.78
C GLN C 65 -5.27 -4.15 5.06
N GLY C 66 -5.15 -3.78 6.33
CA GLY C 66 -4.26 -2.70 6.68
C GLY C 66 -4.84 -1.36 6.26
N ILE C 67 -6.15 -1.34 5.99
CA ILE C 67 -6.83 -0.11 5.60
C ILE C 67 -7.22 0.64 6.88
N LEU C 68 -7.27 -0.12 7.97
CA LEU C 68 -7.57 0.41 9.29
C LEU C 68 -6.39 -0.04 10.10
N VAL C 69 -5.72 0.90 10.78
CA VAL C 69 -4.57 0.54 11.60
C VAL C 69 -4.57 1.27 12.93
N PRO C 70 -3.94 0.68 13.96
CA PRO C 70 -3.86 1.27 15.31
C PRO C 70 -3.20 2.64 15.30
N CYS C 71 -3.47 3.41 16.35
CA CYS C 71 -2.90 4.75 16.47
C CYS C 71 -3.48 5.42 17.71
N GLN C 72 -3.10 6.66 17.91
CA GLN C 72 -3.60 7.40 19.04
C GLN C 72 -3.43 8.87 18.75
N SER C 73 -4.54 9.51 18.39
CA SER C 73 -4.57 10.94 18.07
C SER C 73 -5.60 11.67 18.92
N PRO C 74 -5.48 13.00 19.01
CA PRO C 74 -6.40 13.84 19.79
C PRO C 74 -7.75 13.97 19.10
N TRP C 75 -7.83 13.42 17.89
CA TRP C 75 -9.07 13.46 17.13
C TRP C 75 -9.84 12.22 17.49
N ASN C 76 -11.13 12.23 17.18
CA ASN C 76 -11.97 11.10 17.44
C ASN C 76 -13.37 11.40 16.99
N THR C 77 -14.00 10.44 16.32
CA THR C 77 -15.37 10.62 15.89
C THR C 77 -16.14 9.38 16.23
N PRO C 78 -17.46 9.50 16.35
CA PRO C 78 -18.28 8.35 16.69
C PRO C 78 -18.51 7.36 15.57
N LEU C 79 -18.50 6.09 15.92
CA LEU C 79 -18.77 5.04 14.97
C LEU C 79 -20.25 4.75 15.23
N LEU C 80 -21.08 4.87 14.22
CA LEU C 80 -22.50 4.63 14.40
C LEU C 80 -22.99 3.32 13.79
N PRO C 81 -23.36 2.35 14.63
CA PRO C 81 -23.85 1.04 14.17
C PRO C 81 -25.22 1.13 13.53
N VAL C 82 -25.23 1.06 12.20
CA VAL C 82 -26.44 1.14 11.40
C VAL C 82 -27.04 -0.22 11.02
N LYS C 83 -28.17 -0.53 11.64
CA LYS C 83 -28.86 -1.79 11.39
C LYS C 83 -29.94 -1.63 10.33
N LYS C 84 -29.79 -2.37 9.22
CA LYS C 84 -30.77 -2.36 8.14
C LYS C 84 -32.07 -2.87 8.79
N PRO C 85 -33.16 -2.06 8.74
CA PRO C 85 -34.47 -2.37 9.34
C PRO C 85 -35.12 -3.73 9.06
N GLY C 86 -35.27 -4.52 10.13
CA GLY C 86 -35.88 -5.83 10.00
C GLY C 86 -34.84 -6.91 9.73
N THR C 87 -33.60 -6.66 10.14
CA THR C 87 -32.53 -7.62 9.94
C THR C 87 -31.33 -7.26 10.81
N ASN C 88 -30.74 -8.26 11.45
CA ASN C 88 -29.56 -8.06 12.28
C ASN C 88 -28.37 -7.74 11.34
N ASP C 89 -28.69 -7.16 10.18
CA ASP C 89 -27.70 -6.79 9.18
C ASP C 89 -26.99 -5.47 9.51
N TYR C 90 -26.03 -5.51 10.45
CA TYR C 90 -25.31 -4.30 10.88
C TYR C 90 -24.13 -3.90 10.01
N ARG C 91 -23.86 -2.60 9.98
CA ARG C 91 -22.74 -2.01 9.24
C ARG C 91 -22.39 -0.67 9.91
N PRO C 92 -21.10 -0.32 9.97
CA PRO C 92 -20.60 0.91 10.59
C PRO C 92 -20.57 2.15 9.70
N VAL C 93 -21.00 3.26 10.27
CA VAL C 93 -21.00 4.54 9.60
C VAL C 93 -20.32 5.50 10.54
N GLN C 94 -19.15 5.98 10.15
CA GLN C 94 -18.42 6.90 11.00
C GLN C 94 -19.01 8.29 10.85
N ASP C 95 -19.28 8.95 11.96
CA ASP C 95 -19.83 10.30 11.91
C ASP C 95 -18.66 11.25 11.82
N LEU C 96 -18.19 11.50 10.60
CA LEU C 96 -17.05 12.41 10.39
C LEU C 96 -17.46 13.87 10.23
N ARG C 97 -18.62 14.24 10.76
CA ARG C 97 -19.12 15.61 10.68
C ARG C 97 -18.20 16.67 11.33
N GLU C 98 -17.75 16.43 12.55
CA GLU C 98 -16.90 17.42 13.19
C GLU C 98 -15.66 17.61 12.39
N VAL C 99 -14.89 16.55 12.23
CA VAL C 99 -13.67 16.61 11.44
C VAL C 99 -13.96 17.42 10.17
N ASN C 100 -14.96 17.00 9.40
CA ASN C 100 -15.33 17.70 8.16
C ASN C 100 -15.41 19.23 8.33
N LYS C 101 -16.05 19.70 9.39
CA LYS C 101 -16.20 21.14 9.61
C LYS C 101 -14.98 21.86 10.18
N ARG C 102 -13.80 21.28 9.99
CA ARG C 102 -12.52 21.85 10.44
C ARG C 102 -11.49 21.65 9.32
N VAL C 103 -11.79 20.70 8.45
CA VAL C 103 -10.94 20.44 7.32
C VAL C 103 -11.30 21.43 6.27
N GLU C 104 -10.28 22.10 5.70
CA GLU C 104 -10.55 23.07 4.66
C GLU C 104 -11.46 22.42 3.63
N ASP C 105 -12.16 23.23 2.85
CA ASP C 105 -13.08 22.72 1.89
C ASP C 105 -12.63 22.83 0.43
N ILE C 106 -12.69 21.71 -0.31
CA ILE C 106 -12.27 21.70 -1.71
C ILE C 106 -13.43 21.86 -2.69
N HIS C 107 -13.29 22.86 -3.56
CA HIS C 107 -14.29 23.07 -4.59
C HIS C 107 -14.31 21.85 -5.65
N PRO C 108 -15.57 21.22 -5.84
CA PRO C 108 -15.98 19.88 -6.60
C PRO C 108 -15.66 19.41 -7.96
N THR C 109 -15.64 20.26 -8.90
CA THR C 109 -15.02 19.78 -10.08
C THR C 109 -15.62 18.52 -10.75
N VAL C 110 -16.83 18.05 -10.40
CA VAL C 110 -17.54 16.85 -10.97
C VAL C 110 -18.48 17.20 -12.16
N PRO C 111 -18.25 16.53 -13.33
CA PRO C 111 -19.08 16.82 -14.57
C PRO C 111 -20.57 16.64 -14.39
N ASN C 112 -21.34 17.62 -13.98
CA ASN C 112 -22.76 17.27 -13.85
C ASN C 112 -23.21 16.16 -14.80
N PRO C 113 -23.95 15.14 -14.24
CA PRO C 113 -24.40 14.00 -15.11
C PRO C 113 -24.95 14.40 -16.48
N TYR C 114 -26.22 14.55 -16.52
CA TYR C 114 -26.87 14.92 -17.75
C TYR C 114 -25.94 15.39 -18.89
N ASN C 115 -25.50 16.65 -18.80
CA ASN C 115 -24.66 17.25 -19.84
C ASN C 115 -23.58 16.32 -20.36
N LEU C 116 -22.73 15.86 -19.43
CA LEU C 116 -21.65 14.93 -19.73
C LEU C 116 -22.14 13.86 -20.70
N LEU C 117 -23.22 13.18 -20.33
CA LEU C 117 -23.81 12.13 -21.16
C LEU C 117 -24.34 12.67 -22.49
N SER C 118 -24.78 13.92 -22.48
CA SER C 118 -25.35 14.53 -23.68
C SER C 118 -24.35 14.67 -24.82
N GLY C 119 -23.11 15.02 -24.49
CA GLY C 119 -22.08 15.19 -25.51
C GLY C 119 -21.80 13.95 -26.35
N LEU C 120 -22.11 12.79 -25.81
CA LEU C 120 -21.89 11.52 -26.50
C LEU C 120 -22.65 11.39 -27.83
N PRO C 121 -21.91 11.36 -28.95
CA PRO C 121 -22.41 11.24 -30.33
C PRO C 121 -23.10 9.92 -30.65
N PRO C 122 -24.05 9.93 -31.63
CA PRO C 122 -24.79 8.74 -32.04
C PRO C 122 -23.83 7.67 -32.53
N SER C 123 -22.70 8.14 -33.07
CA SER C 123 -21.64 7.30 -33.60
C SER C 123 -21.31 6.16 -32.65
N HIS C 124 -21.00 6.52 -31.42
CA HIS C 124 -20.65 5.55 -30.39
C HIS C 124 -21.90 5.10 -29.62
N GLN C 125 -22.46 3.97 -30.04
CA GLN C 125 -23.66 3.42 -29.43
C GLN C 125 -23.52 2.07 -28.72
N TRP C 126 -22.29 1.66 -28.43
CA TRP C 126 -22.05 0.41 -27.72
C TRP C 126 -21.38 0.84 -26.44
N TYR C 127 -22.08 0.62 -25.34
CA TYR C 127 -21.57 1.03 -24.05
C TYR C 127 -21.08 -0.10 -23.16
N THR C 128 -20.35 0.30 -22.13
CA THR C 128 -19.82 -0.61 -21.14
C THR C 128 -19.74 0.20 -19.86
N VAL C 129 -20.53 -0.19 -18.87
CA VAL C 129 -20.55 0.51 -17.59
C VAL C 129 -19.86 -0.29 -16.53
N LEU C 130 -18.98 0.37 -15.79
CA LEU C 130 -18.26 -0.28 -14.70
C LEU C 130 -18.21 0.65 -13.49
N ASP C 131 -18.20 0.08 -12.30
CA ASP C 131 -18.07 0.89 -11.09
C ASP C 131 -17.02 0.26 -10.18
N LEU C 132 -15.97 1.03 -9.91
CA LEU C 132 -14.87 0.61 -9.07
C LEU C 132 -15.30 0.45 -7.61
N LYS C 133 -15.44 -0.80 -7.17
CA LYS C 133 -15.83 -1.08 -5.80
C LYS C 133 -14.76 -0.49 -4.87
N ASP C 134 -15.20 0.01 -3.71
CA ASP C 134 -14.29 0.59 -2.72
C ASP C 134 -13.26 1.54 -3.36
N ALA C 135 -13.75 2.50 -4.13
CA ALA C 135 -12.92 3.49 -4.83
C ALA C 135 -12.08 4.35 -3.91
N PHE C 136 -12.66 4.82 -2.81
CA PHE C 136 -11.92 5.66 -1.88
C PHE C 136 -10.80 4.88 -1.17
N PHE C 137 -11.04 3.62 -0.81
CA PHE C 137 -9.97 2.89 -0.13
C PHE C 137 -8.70 2.71 -0.96
N CYS C 138 -8.84 2.93 -2.26
CA CYS C 138 -7.72 2.79 -3.18
C CYS C 138 -6.73 3.91 -3.01
N LEU C 139 -7.11 4.97 -2.31
CA LEU C 139 -6.20 6.08 -2.17
C LEU C 139 -5.61 6.26 -0.78
N ARG C 140 -4.28 6.23 -0.74
CA ARG C 140 -3.53 6.35 0.48
C ARG C 140 -3.57 7.73 1.15
N LEU C 141 -3.90 7.69 2.41
CA LEU C 141 -3.98 8.88 3.26
C LEU C 141 -2.60 9.11 3.84
N HIS C 142 -1.98 10.26 3.56
CA HIS C 142 -0.62 10.54 4.06
C HIS C 142 -0.50 10.27 5.57
N PRO C 143 0.73 9.89 6.02
CA PRO C 143 0.88 9.52 7.46
C PRO C 143 0.40 10.56 8.40
N THR C 144 1.12 11.61 8.26
CA THR C 144 1.02 12.83 9.00
C THR C 144 -0.40 13.46 8.90
N SER C 145 -1.33 12.64 8.41
CA SER C 145 -2.69 13.04 8.14
C SER C 145 -3.77 12.13 8.71
N GLN C 146 -3.58 10.85 8.75
CA GLN C 146 -4.63 9.96 9.26
C GLN C 146 -5.15 10.25 10.70
N PRO C 147 -4.33 10.87 11.61
CA PRO C 147 -4.92 11.04 12.96
C PRO C 147 -6.33 11.60 13.02
N LEU C 148 -6.63 12.46 12.06
CA LEU C 148 -7.93 13.13 11.99
C LEU C 148 -9.13 12.18 12.13
N PHE C 149 -9.15 11.14 11.27
CA PHE C 149 -10.25 10.18 11.16
C PHE C 149 -10.33 9.06 12.18
N ALA C 150 -9.47 9.10 13.20
CA ALA C 150 -9.48 8.09 14.24
C ALA C 150 -10.82 7.93 14.99
N PHE C 151 -11.26 6.69 15.16
CA PHE C 151 -12.46 6.39 15.86
C PHE C 151 -12.13 5.32 16.86
N GLU C 152 -12.75 5.36 18.02
CA GLU C 152 -12.46 4.41 19.09
C GLU C 152 -12.93 2.99 18.87
N TRP C 153 -12.01 2.04 19.06
CA TRP C 153 -12.32 0.62 18.92
C TRP C 153 -11.34 -0.27 19.66
N ARG C 154 -11.86 -1.08 20.57
CA ARG C 154 -10.98 -1.97 21.31
C ARG C 154 -11.35 -3.44 21.20
N ASP C 155 -10.34 -4.24 20.83
CA ASP C 155 -10.51 -5.66 20.66
C ASP C 155 -9.22 -6.31 21.14
N PRO C 156 -9.25 -7.00 22.29
CA PRO C 156 -7.98 -7.60 22.69
C PRO C 156 -7.59 -8.55 21.57
N GLU C 157 -8.56 -9.39 21.19
CA GLU C 157 -8.43 -10.38 20.14
C GLU C 157 -7.82 -9.88 18.82
N MET C 158 -7.68 -8.56 18.66
CA MET C 158 -7.07 -8.02 17.43
C MET C 158 -5.85 -7.13 17.72
N GLY C 159 -5.42 -7.09 18.98
CA GLY C 159 -4.25 -6.29 19.33
C GLY C 159 -4.56 -4.82 19.28
N ILE C 160 -5.85 -4.51 19.38
CA ILE C 160 -6.32 -3.14 19.37
C ILE C 160 -6.89 -2.84 20.75
N SER C 161 -6.39 -1.78 21.36
CA SER C 161 -6.85 -1.38 22.69
C SER C 161 -6.85 0.15 22.73
N GLY C 162 -7.83 0.73 22.04
CA GLY C 162 -7.90 2.17 21.98
C GLY C 162 -8.59 2.65 20.73
N GLN C 163 -7.82 3.01 19.71
CA GLN C 163 -8.45 3.53 18.50
C GLN C 163 -7.74 3.27 17.18
N LEU C 164 -8.54 3.04 16.14
CA LEU C 164 -8.00 2.80 14.80
C LEU C 164 -8.09 4.11 14.03
N THR C 165 -7.47 4.13 12.85
CA THR C 165 -7.52 5.30 12.00
C THR C 165 -7.47 4.72 10.62
N TRP C 166 -7.65 5.54 9.60
CA TRP C 166 -7.62 5.05 8.24
C TRP C 166 -6.29 5.35 7.58
N THR C 167 -6.03 4.65 6.48
CA THR C 167 -4.80 4.82 5.72
C THR C 167 -5.19 5.09 4.28
N ARG C 168 -6.50 5.13 4.06
CA ARG C 168 -7.04 5.37 2.74
C ARG C 168 -8.15 6.40 2.89
N LEU C 169 -8.77 6.79 1.77
CA LEU C 169 -9.86 7.76 1.79
C LEU C 169 -11.12 7.13 2.42
N PRO C 170 -11.54 7.60 3.60
CA PRO C 170 -12.72 7.01 4.23
C PRO C 170 -14.08 7.55 3.76
N GLN C 171 -15.05 6.66 3.57
CA GLN C 171 -16.39 7.06 3.17
C GLN C 171 -16.81 8.06 4.22
N GLY C 172 -17.69 9.00 3.88
CA GLY C 172 -18.13 9.96 4.88
C GLY C 172 -17.33 11.25 4.97
N PHE C 173 -16.21 11.28 4.27
CA PHE C 173 -15.34 12.45 4.22
C PHE C 173 -15.93 13.29 3.10
N LYS C 174 -15.92 14.61 3.27
CA LYS C 174 -16.52 15.54 2.32
C LYS C 174 -15.73 15.70 1.03
N ASN C 175 -14.41 15.74 1.15
CA ASN C 175 -13.59 15.94 -0.04
C ASN C 175 -13.21 14.62 -0.71
N SER C 176 -13.74 13.51 -0.19
CA SER C 176 -13.45 12.18 -0.72
C SER C 176 -13.87 12.02 -2.17
N PRO C 177 -15.09 12.46 -2.49
CA PRO C 177 -15.61 12.36 -3.86
C PRO C 177 -14.83 13.14 -4.92
N THR C 178 -14.46 14.39 -4.59
CA THR C 178 -13.73 15.24 -5.52
C THR C 178 -12.26 14.88 -5.67
N LEU C 179 -11.70 14.28 -4.62
CA LEU C 179 -10.29 13.86 -4.66
C LEU C 179 -10.15 12.62 -5.52
N PHE C 180 -10.98 11.63 -5.24
CA PHE C 180 -10.91 10.43 -6.02
C PHE C 180 -11.15 10.74 -7.47
N ASP C 181 -12.37 11.18 -7.78
CA ASP C 181 -12.72 11.50 -9.16
C ASP C 181 -11.58 12.15 -9.91
N GLU C 182 -10.85 13.02 -9.22
CA GLU C 182 -9.73 13.70 -9.84
C GLU C 182 -8.55 12.77 -10.14
N ALA C 183 -8.11 11.98 -9.14
CA ALA C 183 -7.00 11.04 -9.32
C ALA C 183 -7.28 10.08 -10.46
N LEU C 184 -8.48 9.52 -10.49
CA LEU C 184 -8.87 8.58 -11.54
C LEU C 184 -8.85 9.24 -12.91
N HIS C 185 -9.19 10.52 -12.95
CA HIS C 185 -9.21 11.29 -14.19
C HIS C 185 -7.77 11.41 -14.65
N ARG C 186 -6.88 11.45 -13.68
CA ARG C 186 -5.46 11.60 -13.89
C ARG C 186 -4.79 10.29 -14.26
N ASP C 187 -5.40 9.17 -13.86
CA ASP C 187 -4.86 7.86 -14.17
C ASP C 187 -5.46 7.29 -15.44
N LEU C 188 -6.45 7.98 -15.99
CA LEU C 188 -7.06 7.53 -17.23
C LEU C 188 -6.75 8.58 -18.29
N ALA C 189 -5.88 9.51 -17.92
CA ALA C 189 -5.45 10.56 -18.82
C ALA C 189 -4.80 9.89 -20.01
N ASP C 190 -3.82 9.03 -19.73
CA ASP C 190 -3.10 8.32 -20.78
C ASP C 190 -4.07 7.44 -21.55
N PHE C 191 -4.77 6.55 -20.85
CA PHE C 191 -5.71 5.66 -21.50
C PHE C 191 -6.56 6.31 -22.58
N ARG C 192 -7.10 7.50 -22.30
CA ARG C 192 -7.95 8.17 -23.27
C ARG C 192 -7.23 8.58 -24.54
N ILE C 193 -5.95 8.93 -24.39
CA ILE C 193 -5.11 9.31 -25.53
C ILE C 193 -4.82 8.06 -26.34
N GLN C 194 -4.57 6.97 -25.62
CA GLN C 194 -4.30 5.69 -26.23
C GLN C 194 -5.43 5.26 -27.16
N HIS C 195 -6.65 5.70 -26.87
CA HIS C 195 -7.79 5.27 -27.69
C HIS C 195 -8.69 6.37 -28.24
N PRO C 196 -8.16 7.15 -29.20
CA PRO C 196 -8.85 8.26 -29.87
C PRO C 196 -10.14 7.93 -30.63
N ASP C 197 -10.63 6.71 -30.50
CA ASP C 197 -11.87 6.30 -31.19
C ASP C 197 -12.91 5.83 -30.17
N LEU C 198 -12.55 6.01 -28.90
CA LEU C 198 -13.40 5.64 -27.77
C LEU C 198 -13.72 6.88 -26.92
N ILE C 199 -14.89 6.86 -26.26
CA ILE C 199 -15.33 7.95 -25.40
C ILE C 199 -15.31 7.44 -23.95
N LEU C 200 -14.47 8.05 -23.11
CA LEU C 200 -14.39 7.62 -21.70
C LEU C 200 -15.00 8.55 -20.67
N LEU C 201 -16.20 8.20 -20.21
CA LEU C 201 -16.90 8.99 -19.19
C LEU C 201 -16.66 8.46 -17.79
N GLN C 202 -16.50 9.35 -16.83
CA GLN C 202 -16.29 8.91 -15.46
C GLN C 202 -16.81 9.93 -14.46
N TYR C 203 -17.56 9.45 -13.49
CA TYR C 203 -18.10 10.30 -12.46
C TYR C 203 -17.57 9.72 -11.15
N VAL C 204 -16.40 10.17 -10.74
CA VAL C 204 -15.82 9.66 -9.51
C VAL C 204 -15.51 8.18 -9.71
N ASP C 205 -16.35 7.30 -9.15
CA ASP C 205 -16.11 5.88 -9.31
C ASP C 205 -17.08 5.16 -10.24
N ASP C 206 -17.58 5.85 -11.25
CA ASP C 206 -18.50 5.23 -12.20
C ASP C 206 -17.97 5.50 -13.60
N LEU C 207 -17.68 4.45 -14.36
CA LEU C 207 -17.17 4.67 -15.70
C LEU C 207 -18.02 4.12 -16.82
N LEU C 208 -18.00 4.82 -17.95
CA LEU C 208 -18.74 4.38 -19.12
C LEU C 208 -17.90 4.47 -20.37
N LEU C 209 -17.87 3.38 -21.13
CA LEU C 209 -17.12 3.35 -22.37
C LEU C 209 -18.08 3.12 -23.53
N ALA C 210 -17.90 3.90 -24.60
CA ALA C 210 -18.74 3.79 -25.77
C ALA C 210 -17.87 3.65 -27.02
N ALA C 211 -18.20 2.68 -27.87
CA ALA C 211 -17.45 2.46 -29.11
C ALA C 211 -18.45 2.43 -30.26
N THR C 212 -17.96 2.40 -31.48
CA THR C 212 -18.84 2.39 -32.66
C THR C 212 -19.28 0.99 -33.11
N SER C 213 -18.58 -0.03 -32.59
CA SER C 213 -18.87 -1.42 -32.91
C SER C 213 -18.80 -2.22 -31.61
N GLU C 214 -19.39 -3.42 -31.62
CA GLU C 214 -19.34 -4.25 -30.42
C GLU C 214 -17.88 -4.67 -30.25
N LEU C 215 -17.19 -4.86 -31.38
CA LEU C 215 -15.79 -5.24 -31.36
C LEU C 215 -14.96 -4.12 -30.70
N ASP C 216 -15.04 -2.91 -31.28
CA ASP C 216 -14.31 -1.76 -30.76
C ASP C 216 -14.65 -1.62 -29.27
N CYS C 217 -15.86 -1.97 -28.91
CA CYS C 217 -16.23 -1.87 -27.51
C CYS C 217 -15.48 -2.95 -26.75
N GLN C 218 -15.63 -4.21 -27.17
CA GLN C 218 -14.94 -5.32 -26.52
C GLN C 218 -13.47 -5.00 -26.30
N GLN C 219 -12.75 -4.77 -27.39
CA GLN C 219 -11.35 -4.47 -27.29
C GLN C 219 -11.14 -3.30 -26.35
N GLY C 220 -11.92 -2.24 -26.53
CA GLY C 220 -11.81 -1.10 -25.65
C GLY C 220 -11.99 -1.48 -24.19
N THR C 221 -12.93 -2.39 -23.92
CA THR C 221 -13.17 -2.81 -22.55
C THR C 221 -11.97 -3.57 -22.02
N ARG C 222 -11.34 -4.39 -22.84
CA ARG C 222 -10.15 -5.13 -22.38
C ARG C 222 -9.05 -4.16 -22.03
N ALA C 223 -8.69 -3.29 -22.97
CA ALA C 223 -7.65 -2.31 -22.73
C ALA C 223 -8.04 -1.52 -21.49
N LEU C 224 -9.34 -1.34 -21.33
CA LEU C 224 -9.87 -0.60 -20.19
C LEU C 224 -9.63 -1.36 -18.89
N LEU C 225 -10.30 -2.49 -18.73
CA LEU C 225 -10.13 -3.31 -17.52
C LEU C 225 -8.64 -3.38 -17.19
N GLN C 226 -7.85 -3.86 -18.17
CA GLN C 226 -6.39 -4.01 -18.06
C GLN C 226 -5.63 -2.78 -17.55
N THR C 227 -6.12 -1.59 -17.91
CA THR C 227 -5.49 -0.34 -17.47
C THR C 227 -5.82 -0.08 -16.00
N LEU C 228 -7.02 -0.46 -15.56
CA LEU C 228 -7.46 -0.27 -14.18
C LEU C 228 -6.74 -1.29 -13.31
N GLY C 229 -6.60 -2.50 -13.87
CA GLY C 229 -5.93 -3.57 -13.16
C GLY C 229 -4.55 -3.15 -12.71
N ASN C 230 -3.66 -2.91 -13.68
CA ASN C 230 -2.29 -2.50 -13.42
C ASN C 230 -2.19 -1.20 -12.59
N LEU C 231 -3.18 -0.32 -12.75
CA LEU C 231 -3.19 0.93 -12.02
C LEU C 231 -3.46 0.73 -10.52
N GLY C 232 -4.30 -0.26 -10.20
CA GLY C 232 -4.59 -0.51 -8.80
C GLY C 232 -6.08 -0.48 -8.45
N TYR C 233 -6.92 -0.08 -9.38
CA TYR C 233 -8.34 -0.01 -9.11
C TYR C 233 -8.95 -1.39 -9.27
N ARG C 234 -10.21 -1.56 -8.86
CA ARG C 234 -10.90 -2.86 -8.97
C ARG C 234 -12.37 -2.67 -9.35
N ALA C 235 -12.76 -3.20 -10.50
CA ALA C 235 -14.13 -3.06 -10.96
C ALA C 235 -15.05 -4.12 -10.37
N SER C 236 -16.29 -3.71 -10.13
CA SER C 236 -17.28 -4.61 -9.60
C SER C 236 -17.79 -5.45 -10.75
N ALA C 237 -17.54 -6.75 -10.69
CA ALA C 237 -17.97 -7.64 -11.74
C ALA C 237 -19.44 -8.01 -11.61
N LYS C 238 -19.98 -7.99 -10.39
CA LYS C 238 -21.38 -8.32 -10.21
C LYS C 238 -22.28 -7.25 -10.83
N LYS C 239 -21.83 -6.01 -10.75
CA LYS C 239 -22.58 -4.88 -11.28
C LYS C 239 -21.99 -4.39 -12.61
N ALA C 240 -21.27 -5.27 -13.30
CA ALA C 240 -20.64 -4.91 -14.56
C ALA C 240 -21.58 -4.90 -15.75
N GLN C 241 -21.43 -3.87 -16.59
CA GLN C 241 -22.23 -3.69 -17.81
C GLN C 241 -21.41 -3.73 -19.11
N ILE C 242 -21.19 -4.80 -19.75
CA ILE C 242 -20.28 -5.25 -20.81
C ILE C 242 -20.70 -5.24 -22.27
N CYS C 243 -20.07 -4.46 -22.88
CA CYS C 243 -20.40 -4.24 -24.29
C CYS C 243 -21.86 -4.43 -24.62
N GLN C 244 -22.72 -3.68 -23.95
CA GLN C 244 -24.15 -3.79 -24.20
C GLN C 244 -24.71 -2.56 -24.93
N LYS C 245 -25.68 -2.82 -25.81
CA LYS C 245 -26.36 -1.83 -26.65
C LYS C 245 -27.32 -0.94 -25.87
N GLN C 246 -27.33 -1.11 -24.55
CA GLN C 246 -28.21 -0.34 -23.65
C GLN C 246 -27.77 -0.53 -22.21
N VAL C 247 -27.63 0.57 -21.48
CA VAL C 247 -27.18 0.47 -20.09
C VAL C 247 -27.62 1.63 -19.17
N LYS C 248 -27.57 1.38 -17.86
CA LYS C 248 -27.92 2.38 -16.85
C LYS C 248 -26.66 3.08 -16.38
N TYR C 249 -26.49 4.34 -16.73
CA TYR C 249 -25.31 5.03 -16.23
C TYR C 249 -25.73 6.30 -15.52
N LEU C 250 -25.51 6.31 -14.21
CA LEU C 250 -25.86 7.45 -13.38
C LEU C 250 -27.37 7.66 -13.32
N GLY C 251 -28.08 6.66 -12.80
CA GLY C 251 -29.52 6.76 -12.71
C GLY C 251 -30.17 7.09 -14.04
N TYR C 252 -29.36 7.20 -15.09
CA TYR C 252 -29.87 7.47 -16.41
C TYR C 252 -29.98 6.16 -17.17
N LEU C 253 -30.37 6.19 -18.48
CA LEU C 253 -30.59 4.96 -19.34
C LEU C 253 -30.23 5.31 -20.84
N LEU C 254 -29.54 4.47 -21.66
CA LEU C 254 -29.01 5.12 -22.88
C LEU C 254 -29.00 4.55 -24.54
N LYS C 255 -29.43 3.32 -25.20
CA LYS C 255 -29.19 2.85 -26.73
C LYS C 255 -29.73 3.64 -27.95
N GLU C 256 -30.95 4.12 -27.81
CA GLU C 256 -31.68 4.84 -28.83
C GLU C 256 -32.66 5.81 -28.21
N GLY C 257 -32.44 6.24 -26.98
CA GLY C 257 -33.37 7.17 -26.36
C GLY C 257 -32.94 7.76 -25.02
N GLN C 258 -33.72 7.52 -23.97
CA GLN C 258 -33.39 8.05 -22.65
C GLN C 258 -34.17 7.47 -21.46
N ARG C 259 -34.01 8.10 -20.31
CA ARG C 259 -34.68 7.70 -19.08
C ARG C 259 -36.03 7.04 -19.29
N HIS D 3 22.86 7.74 -14.37
CA HIS D 3 22.47 8.72 -15.38
C HIS D 3 21.23 9.52 -14.91
N MET D 4 21.21 10.79 -15.23
CA MET D 4 20.14 11.72 -14.83
C MET D 4 18.84 11.55 -15.62
N THR D 5 18.53 10.33 -16.03
CA THR D 5 17.31 10.05 -16.78
C THR D 5 16.52 9.01 -16.06
N TRP D 6 17.24 8.07 -15.46
CA TRP D 6 16.57 7.07 -14.62
C TRP D 6 15.92 7.79 -13.39
N LEU D 7 16.67 8.72 -12.70
CA LEU D 7 16.08 9.56 -11.65
C LEU D 7 14.68 9.95 -12.12
N SER D 8 14.58 10.84 -13.12
CA SER D 8 13.29 11.32 -13.60
C SER D 8 12.24 10.49 -14.37
N ASP D 9 12.54 9.28 -14.93
CA ASP D 9 11.53 8.48 -15.69
C ASP D 9 10.80 7.43 -14.86
N PHE D 10 11.36 7.14 -13.66
CA PHE D 10 10.75 6.17 -12.76
C PHE D 10 10.68 6.67 -11.31
N PRO D 11 9.68 7.55 -11.06
CA PRO D 11 9.45 8.09 -9.69
C PRO D 11 9.29 7.03 -8.61
N GLN D 12 8.33 6.15 -8.89
CA GLN D 12 7.96 5.11 -7.95
C GLN D 12 9.01 4.04 -7.76
N ALA D 13 9.69 3.65 -8.84
CA ALA D 13 10.73 2.62 -8.77
C ALA D 13 11.81 2.97 -7.75
N TRP D 14 12.46 4.11 -7.93
CA TRP D 14 13.50 4.55 -7.01
C TRP D 14 12.94 4.92 -5.64
N ALA D 15 13.83 5.22 -4.70
CA ALA D 15 13.40 5.60 -3.36
C ALA D 15 13.35 7.11 -3.33
N GLU D 16 14.42 7.74 -3.80
CA GLU D 16 14.51 9.18 -3.81
C GLU D 16 13.29 9.92 -4.42
N THR D 17 12.66 9.35 -5.44
CA THR D 17 11.50 10.00 -6.05
C THR D 17 10.20 9.32 -5.71
N GLY D 18 10.26 8.39 -4.78
CA GLY D 18 9.05 7.68 -4.39
C GLY D 18 8.95 7.33 -2.92
N GLY D 19 9.74 7.98 -2.10
CA GLY D 19 9.70 7.75 -0.66
C GLY D 19 9.58 6.30 -0.21
N MET D 20 9.57 6.10 1.11
CA MET D 20 9.43 4.78 1.73
C MET D 20 8.45 3.89 0.94
N GLY D 21 8.85 2.65 0.68
CA GLY D 21 7.97 1.77 -0.08
C GLY D 21 6.91 1.07 0.73
N LEU D 22 6.14 0.23 0.05
CA LEU D 22 5.10 -0.57 0.68
C LEU D 22 4.52 -1.56 -0.33
N ALA D 23 4.58 -2.86 -0.01
CA ALA D 23 4.08 -3.91 -0.89
C ALA D 23 2.56 -3.93 -0.92
N VAL D 24 2.01 -3.37 -1.99
CA VAL D 24 0.57 -3.29 -2.17
C VAL D 24 -0.02 -4.67 -2.45
N ARG D 25 0.86 -5.66 -2.64
CA ARG D 25 0.46 -7.04 -2.91
C ARG D 25 0.60 -7.98 -1.71
N GLN D 26 1.36 -7.58 -0.70
CA GLN D 26 1.56 -8.38 0.52
C GLN D 26 0.74 -7.79 1.68
N ALA D 27 0.04 -8.65 2.42
CA ALA D 27 -0.80 -8.22 3.55
C ALA D 27 -0.05 -8.20 4.88
N PRO D 28 -0.62 -7.52 5.88
CA PRO D 28 0.05 -7.43 7.18
C PRO D 28 0.27 -8.82 7.73
N LEU D 29 1.50 -9.05 8.16
CA LEU D 29 1.92 -10.33 8.67
C LEU D 29 1.60 -10.68 10.13
N ILE D 30 1.06 -11.87 10.35
CA ILE D 30 0.78 -12.36 11.70
C ILE D 30 2.02 -13.17 12.05
N ILE D 31 2.51 -13.02 13.27
CA ILE D 31 3.70 -13.76 13.67
C ILE D 31 3.35 -14.91 14.60
N PRO D 32 3.27 -16.15 14.05
CA PRO D 32 2.94 -17.32 14.87
C PRO D 32 3.96 -17.44 15.99
N LEU D 33 3.49 -17.45 17.23
CA LEU D 33 4.38 -17.57 18.38
C LEU D 33 4.55 -19.04 18.77
N LYS D 34 5.68 -19.40 19.41
CA LYS D 34 5.92 -20.78 19.84
C LYS D 34 4.88 -21.26 20.85
N ALA D 35 4.38 -22.49 20.66
CA ALA D 35 3.36 -23.06 21.53
C ALA D 35 3.53 -22.77 23.03
N THR D 36 4.76 -22.82 23.53
CA THR D 36 5.01 -22.57 24.94
C THR D 36 5.18 -21.08 25.28
N SER D 37 5.53 -20.29 24.28
CA SER D 37 5.76 -18.87 24.45
C SER D 37 4.73 -18.11 25.26
N THR D 38 5.26 -17.18 26.05
CA THR D 38 4.51 -16.32 26.91
C THR D 38 5.24 -14.98 26.89
N PRO D 39 4.47 -13.87 26.81
CA PRO D 39 5.04 -12.51 26.79
C PRO D 39 6.25 -12.37 27.71
N VAL D 40 7.20 -11.52 27.33
CA VAL D 40 8.38 -11.32 28.15
C VAL D 40 8.65 -9.85 28.40
N SER D 41 8.83 -9.50 29.68
CA SER D 41 9.09 -8.12 30.06
C SER D 41 10.51 -7.89 30.52
N ILE D 42 11.37 -7.50 29.59
CA ILE D 42 12.75 -7.22 29.93
C ILE D 42 12.85 -5.74 30.21
N LYS D 43 13.37 -5.39 31.39
CA LYS D 43 13.48 -3.99 31.78
C LYS D 43 14.35 -3.15 30.83
N GLN D 44 14.02 -1.86 30.74
CA GLN D 44 14.73 -0.92 29.88
C GLN D 44 16.01 -0.36 30.52
N TYR D 45 17.17 -0.80 30.02
CA TYR D 45 18.46 -0.32 30.53
C TYR D 45 18.42 1.19 30.38
N PRO D 46 18.54 1.93 31.50
CA PRO D 46 18.52 3.40 31.48
C PRO D 46 19.60 4.02 30.60
N MET D 47 19.29 5.18 30.03
CA MET D 47 20.24 5.87 29.15
C MET D 47 20.72 7.19 29.75
N SER D 48 21.77 7.74 29.12
CA SER D 48 22.34 9.02 29.52
C SER D 48 21.65 10.00 28.59
N GLN D 49 21.49 11.25 29.03
CA GLN D 49 20.81 12.25 28.18
C GLN D 49 21.40 12.31 26.76
N GLU D 50 22.72 12.13 26.64
CA GLU D 50 23.38 12.14 25.35
C GLU D 50 22.87 10.98 24.48
N ALA D 51 22.61 9.85 25.13
CA ALA D 51 22.11 8.65 24.46
C ALA D 51 20.73 9.00 23.93
N ARG D 52 19.83 9.31 24.86
CA ARG D 52 18.48 9.70 24.50
C ARG D 52 18.60 10.71 23.34
N LEU D 53 19.18 11.87 23.65
CA LEU D 53 19.40 12.93 22.68
C LEU D 53 19.60 12.35 21.29
N GLY D 54 20.85 12.04 20.96
CA GLY D 54 21.16 11.48 19.65
C GLY D 54 20.06 10.62 19.07
N ILE D 55 19.73 9.54 19.77
CA ILE D 55 18.70 8.59 19.34
C ILE D 55 17.29 9.19 19.09
N LYS D 56 16.94 10.24 19.84
CA LYS D 56 15.63 10.93 19.75
C LYS D 56 15.05 11.24 18.36
N PRO D 57 15.81 11.95 17.52
CA PRO D 57 15.32 12.28 16.18
C PRO D 57 14.86 11.04 15.45
N HIS D 58 15.68 9.99 15.57
CA HIS D 58 15.44 8.71 14.94
C HIS D 58 14.00 8.25 15.08
N ILE D 59 13.59 7.94 16.30
CA ILE D 59 12.23 7.49 16.56
C ILE D 59 11.20 8.51 16.07
N GLN D 60 11.56 9.79 16.17
CA GLN D 60 10.68 10.86 15.73
C GLN D 60 10.36 10.64 14.25
N ARG D 61 11.38 10.65 13.40
CA ARG D 61 11.14 10.41 11.97
C ARG D 61 10.18 9.25 11.85
N LEU D 62 10.37 8.25 12.72
CA LEU D 62 9.55 7.06 12.70
C LEU D 62 8.07 7.26 13.06
N LEU D 63 7.78 7.94 14.17
CA LEU D 63 6.38 8.13 14.51
C LEU D 63 5.66 8.85 13.37
N ASP D 64 6.25 9.96 12.93
CA ASP D 64 5.70 10.76 11.85
C ASP D 64 5.34 9.89 10.66
N GLN D 65 6.29 9.07 10.20
CA GLN D 65 6.05 8.19 9.06
C GLN D 65 5.11 7.03 9.42
N GLY D 66 4.62 7.01 10.65
CA GLY D 66 3.72 5.95 11.05
C GLY D 66 4.33 4.57 11.19
N ILE D 67 5.66 4.48 11.22
CA ILE D 67 6.31 3.18 11.35
C ILE D 67 6.31 2.76 12.82
N LEU D 68 5.92 3.69 13.70
CA LEU D 68 5.83 3.43 15.12
C LEU D 68 4.47 3.87 15.67
N VAL D 69 4.00 3.14 16.67
CA VAL D 69 2.71 3.44 17.30
C VAL D 69 2.79 3.27 18.79
N PRO D 70 2.18 4.19 19.53
CA PRO D 70 2.26 3.98 20.98
C PRO D 70 1.61 2.62 21.25
N CYS D 71 1.70 2.14 22.48
CA CYS D 71 1.07 0.88 22.85
C CYS D 71 1.43 0.49 24.27
N GLN D 72 0.56 -0.33 24.85
CA GLN D 72 0.76 -0.81 26.21
C GLN D 72 0.77 -2.34 26.06
N SER D 73 1.92 -2.87 25.70
CA SER D 73 2.09 -4.30 25.48
C SER D 73 2.77 -5.00 26.67
N PRO D 74 2.51 -6.31 26.86
CA PRO D 74 3.12 -7.03 27.97
C PRO D 74 4.57 -7.33 27.62
N TRP D 75 4.88 -7.30 26.33
CA TRP D 75 6.25 -7.53 25.87
C TRP D 75 7.01 -6.21 25.95
N ASN D 76 8.33 -6.30 25.93
CA ASN D 76 9.18 -5.12 25.94
C ASN D 76 10.63 -5.49 25.80
N THR D 77 11.26 -5.01 24.73
CA THR D 77 12.67 -5.30 24.55
C THR D 77 13.48 -4.03 24.76
N PRO D 78 14.72 -4.18 25.28
CA PRO D 78 15.61 -3.05 25.53
C PRO D 78 16.07 -2.37 24.25
N LEU D 79 16.42 -1.09 24.33
CA LEU D 79 16.85 -0.37 23.14
C LEU D 79 18.23 0.24 23.32
N LEU D 80 19.25 -0.50 22.89
CA LEU D 80 20.62 -0.08 23.05
C LEU D 80 21.03 1.07 22.13
N PRO D 81 21.60 2.09 22.77
CA PRO D 81 22.24 3.29 22.09
C PRO D 81 23.52 2.94 21.38
N VAL D 82 23.60 3.04 20.07
CA VAL D 82 24.83 2.61 19.45
C VAL D 82 25.71 3.74 18.92
N LYS D 83 27.03 3.49 19.02
CA LYS D 83 28.08 4.42 18.63
C LYS D 83 28.86 4.10 17.39
N LYS D 84 29.54 5.13 16.98
CA LYS D 84 30.43 5.12 15.87
C LYS D 84 31.30 6.35 16.11
N PRO D 85 32.43 6.43 15.42
CA PRO D 85 33.43 7.58 15.56
C PRO D 85 32.92 9.07 15.47
N GLY D 86 33.76 10.15 15.74
CA GLY D 86 33.44 11.62 15.59
C GLY D 86 32.94 12.36 16.84
N THR D 87 32.15 13.41 16.62
CA THR D 87 31.49 14.01 17.75
C THR D 87 29.96 13.64 17.52
N ASN D 88 29.43 12.53 18.23
CA ASN D 88 27.96 11.96 18.40
C ASN D 88 27.18 11.27 17.20
N ASP D 89 27.20 9.94 16.99
CA ASP D 89 26.59 9.34 15.78
C ASP D 89 25.84 7.96 16.01
N TYR D 90 24.58 7.87 16.58
CA TYR D 90 23.93 6.53 16.95
C TYR D 90 22.87 5.89 16.03
N ARG D 91 22.62 4.60 16.29
CA ARG D 91 21.61 3.83 15.54
C ARG D 91 20.82 3.00 16.56
N PRO D 92 19.51 3.25 16.64
CA PRO D 92 18.74 2.47 17.57
C PRO D 92 18.90 0.96 17.37
N VAL D 93 19.25 0.19 18.37
CA VAL D 93 19.21 -1.24 18.10
C VAL D 93 18.47 -1.88 19.24
N GLN D 94 17.41 -2.58 18.89
CA GLN D 94 16.55 -3.26 19.85
C GLN D 94 17.04 -4.72 19.96
N ASP D 95 17.32 -5.16 21.18
CA ASP D 95 17.78 -6.52 21.41
C ASP D 95 16.63 -7.50 21.35
N LEU D 96 16.04 -7.63 20.16
CA LEU D 96 14.90 -8.51 19.95
C LEU D 96 15.18 -10.01 20.16
N ARG D 97 16.35 -10.32 20.71
CA ARG D 97 16.74 -11.72 20.95
C ARG D 97 15.69 -12.50 21.74
N GLU D 98 15.33 -12.02 22.93
CA GLU D 98 14.36 -12.73 23.77
C GLU D 98 13.02 -12.95 23.08
N VAL D 99 12.78 -12.17 22.03
CA VAL D 99 11.56 -12.27 21.23
C VAL D 99 11.74 -13.39 20.22
N ASN D 100 12.81 -13.27 19.42
CA ASN D 100 13.13 -14.26 18.39
C ASN D 100 13.08 -15.70 18.92
N LYS D 101 13.40 -15.87 20.21
CA LYS D 101 13.40 -17.18 20.84
C LYS D 101 11.99 -17.72 21.10
N ARG D 102 11.04 -16.86 21.41
CA ARG D 102 9.68 -17.33 21.66
C ARG D 102 8.89 -17.35 20.36
N VAL D 103 9.41 -16.65 19.36
CA VAL D 103 8.75 -16.60 18.06
C VAL D 103 8.97 -17.93 17.39
N GLU D 104 8.00 -18.41 16.63
CA GLU D 104 8.18 -19.67 15.94
C GLU D 104 8.93 -19.34 14.66
N ASP D 105 10.12 -19.92 14.52
CA ASP D 105 10.99 -19.71 13.35
C ASP D 105 10.50 -20.40 12.08
N ILE D 106 11.14 -20.09 10.96
CA ILE D 106 10.74 -20.65 9.68
C ILE D 106 11.90 -21.11 8.77
N HIS D 107 11.72 -22.28 8.14
CA HIS D 107 12.73 -22.83 7.23
C HIS D 107 13.31 -21.68 6.43
N PRO D 108 14.64 -21.56 6.38
CA PRO D 108 15.36 -20.52 5.66
C PRO D 108 15.30 -20.63 4.14
N THR D 109 14.52 -19.75 3.49
CA THR D 109 14.40 -19.75 2.03
C THR D 109 15.63 -19.05 1.42
N VAL D 110 16.18 -18.11 2.19
CA VAL D 110 17.34 -17.33 1.76
C VAL D 110 18.44 -18.23 1.24
N PRO D 111 18.89 -17.99 0.00
CA PRO D 111 19.95 -18.75 -0.67
C PRO D 111 21.36 -18.44 -0.14
N ASN D 112 22.33 -19.24 -0.54
CA ASN D 112 23.71 -19.05 -0.11
C ASN D 112 24.32 -17.98 -1.04
N PRO D 113 24.96 -16.95 -0.46
CA PRO D 113 25.58 -15.87 -1.23
C PRO D 113 26.25 -16.38 -2.50
N TYR D 114 27.39 -17.05 -2.34
CA TYR D 114 28.08 -17.55 -3.51
C TYR D 114 27.24 -18.53 -4.32
N ASN D 115 26.80 -19.61 -3.68
CA ASN D 115 25.97 -20.62 -4.32
C ASN D 115 24.90 -20.03 -5.28
N LEU D 116 24.72 -18.70 -5.23
CA LEU D 116 23.75 -18.01 -6.10
C LEU D 116 24.40 -17.56 -7.40
N LEU D 117 25.35 -16.64 -7.30
CA LEU D 117 26.06 -16.10 -8.46
C LEU D 117 26.52 -17.20 -9.41
N SER D 118 26.88 -18.36 -8.84
CA SER D 118 27.35 -19.50 -9.61
C SER D 118 26.57 -19.69 -10.92
N GLY D 119 25.23 -19.76 -10.82
CA GLY D 119 24.40 -19.95 -12.00
C GLY D 119 24.55 -19.00 -13.18
N LEU D 120 24.94 -17.75 -12.91
CA LEU D 120 25.11 -16.71 -13.92
C LEU D 120 25.88 -17.10 -15.19
N PRO D 121 25.16 -17.33 -16.31
CA PRO D 121 25.70 -17.71 -17.63
C PRO D 121 26.53 -16.61 -18.32
N PRO D 122 27.75 -16.94 -18.79
CA PRO D 122 28.64 -16.00 -19.48
C PRO D 122 28.01 -15.31 -20.70
N SER D 123 26.80 -15.74 -21.07
CA SER D 123 26.11 -15.13 -22.20
C SER D 123 25.70 -13.72 -21.79
N HIS D 124 25.22 -13.58 -20.55
CA HIS D 124 24.83 -12.27 -20.02
C HIS D 124 26.06 -11.63 -19.40
N GLN D 125 26.66 -10.68 -20.10
CA GLN D 125 27.84 -9.98 -19.60
C GLN D 125 27.39 -8.55 -19.30
N TRP D 126 26.08 -8.33 -19.44
CA TRP D 126 25.49 -7.02 -19.17
C TRP D 126 24.64 -7.08 -17.91
N TYR D 127 25.11 -6.40 -16.87
CA TYR D 127 24.44 -6.41 -15.59
C TYR D 127 23.95 -5.07 -15.12
N THR D 128 23.00 -5.14 -14.20
CA THR D 128 22.41 -3.99 -13.55
C THR D 128 22.20 -4.46 -12.11
N VAL D 129 22.74 -3.69 -11.16
CA VAL D 129 22.59 -4.01 -9.75
C VAL D 129 21.97 -2.84 -9.03
N LEU D 130 20.75 -3.05 -8.56
CA LEU D 130 20.05 -2.02 -7.83
C LEU D 130 19.53 -2.67 -6.56
N ASP D 131 20.02 -2.21 -5.42
CA ASP D 131 19.59 -2.74 -4.12
C ASP D 131 18.31 -2.02 -3.71
N LEU D 132 17.54 -2.63 -2.82
CA LEU D 132 16.29 -2.03 -2.36
C LEU D 132 16.45 -1.29 -1.03
N LYS D 133 15.80 -0.12 -0.95
CA LYS D 133 15.86 0.72 0.26
C LYS D 133 14.70 0.42 1.23
N ASP D 134 15.07 0.25 2.50
CA ASP D 134 14.14 -0.05 3.59
C ASP D 134 13.12 -1.12 3.22
N ALA D 135 13.63 -2.13 2.54
CA ALA D 135 12.85 -3.27 2.06
C ALA D 135 11.89 -3.87 3.07
N PHE D 136 12.34 -4.01 4.32
CA PHE D 136 11.51 -4.61 5.35
C PHE D 136 10.29 -3.79 5.67
N PHE D 137 10.46 -2.48 5.76
CA PHE D 137 9.33 -1.63 6.08
C PHE D 137 8.32 -1.57 4.92
N CYS D 138 8.65 -2.25 3.82
CA CYS D 138 7.74 -2.31 2.68
C CYS D 138 6.70 -3.37 3.02
N LEU D 139 7.05 -4.20 4.00
CA LEU D 139 6.14 -5.21 4.49
C LEU D 139 5.66 -4.71 5.84
N ARG D 140 4.40 -4.96 6.16
CA ARG D 140 3.86 -4.50 7.43
C ARG D 140 3.35 -5.59 8.35
N LEU D 141 3.29 -5.26 9.64
CA LEU D 141 2.83 -6.18 10.67
C LEU D 141 1.33 -6.04 10.95
N HIS D 142 0.70 -7.16 11.26
CA HIS D 142 -0.71 -7.17 11.61
C HIS D 142 -0.77 -6.46 12.96
N PRO D 143 -1.91 -5.83 13.29
CA PRO D 143 -1.94 -5.16 14.58
C PRO D 143 -1.90 -6.18 15.73
N THR D 144 -2.15 -7.44 15.39
CA THR D 144 -2.16 -8.51 16.37
C THR D 144 -0.75 -9.00 16.70
N SER D 145 0.17 -8.88 15.74
CA SER D 145 1.54 -9.32 15.94
C SER D 145 2.49 -8.22 16.35
N GLN D 146 2.03 -6.97 16.30
CA GLN D 146 2.89 -5.85 16.68
C GLN D 146 3.42 -5.97 18.12
N PRO D 147 2.50 -6.09 19.11
CA PRO D 147 2.81 -6.20 20.54
C PRO D 147 4.19 -6.75 20.95
N LEU D 148 4.62 -7.83 20.30
CA LEU D 148 5.91 -8.45 20.59
C LEU D 148 7.05 -7.42 20.57
N PHE D 149 7.15 -6.73 19.44
CA PHE D 149 8.19 -5.74 19.19
C PHE D 149 8.20 -4.47 20.05
N ALA D 150 7.18 -4.27 20.88
CA ALA D 150 7.07 -3.08 21.71
C ALA D 150 8.33 -2.75 22.53
N PHE D 151 8.63 -1.45 22.64
CA PHE D 151 9.80 -0.98 23.41
C PHE D 151 9.55 0.38 24.09
N GLU D 152 10.24 0.61 25.20
CA GLU D 152 10.09 1.81 26.03
C GLU D 152 10.45 3.19 25.41
N TRP D 153 9.73 4.22 25.83
CA TRP D 153 9.90 5.60 25.38
C TRP D 153 8.91 6.56 26.08
N ARG D 154 9.28 7.10 27.22
CA ARG D 154 8.45 8.12 27.90
C ARG D 154 8.95 9.48 27.37
N ASP D 155 8.13 10.24 26.62
CA ASP D 155 8.59 11.54 26.05
C ASP D 155 7.48 12.47 25.50
N PRO D 156 7.36 13.71 26.08
CA PRO D 156 6.36 14.70 25.64
C PRO D 156 6.49 15.18 24.25
N GLU D 157 7.74 15.26 23.90
CA GLU D 157 8.06 15.72 22.65
C GLU D 157 7.05 15.22 21.65
N MET D 158 6.51 14.03 21.85
CA MET D 158 5.58 13.48 20.90
C MET D 158 4.38 12.95 21.64
N GLY D 159 4.45 13.18 22.95
CA GLY D 159 3.42 12.81 23.90
C GLY D 159 3.29 11.32 24.13
N ILE D 160 4.42 10.69 24.46
CA ILE D 160 4.39 9.29 24.76
C ILE D 160 4.66 9.11 26.22
N SER D 161 3.97 8.13 26.80
CA SER D 161 4.11 7.75 28.18
C SER D 161 4.37 6.26 28.18
N GLY D 162 3.81 5.61 27.16
CA GLY D 162 3.91 4.18 27.04
C GLY D 162 5.06 3.68 26.19
N GLN D 163 4.88 2.47 25.70
CA GLN D 163 5.81 1.78 24.86
C GLN D 163 5.45 1.97 23.39
N LEU D 164 6.47 1.88 22.53
CA LEU D 164 6.29 2.00 21.09
C LEU D 164 6.44 0.63 20.49
N THR D 165 5.73 0.38 19.39
CA THR D 165 5.82 -0.92 18.72
C THR D 165 5.91 -0.72 17.19
N TRP D 166 6.26 -1.78 16.47
CA TRP D 166 6.43 -1.69 15.03
C TRP D 166 5.19 -1.97 14.21
N THR D 167 5.13 -1.39 13.02
CA THR D 167 4.01 -1.58 12.12
C THR D 167 4.50 -2.23 10.82
N ARG D 168 5.82 -2.36 10.70
CA ARG D 168 6.43 -2.97 9.53
C ARG D 168 7.42 -4.00 10.08
N LEU D 169 7.82 -4.96 9.24
CA LEU D 169 8.79 -5.98 9.65
C LEU D 169 9.98 -5.25 10.26
N PRO D 170 10.28 -5.50 11.54
CA PRO D 170 11.42 -4.77 12.08
C PRO D 170 12.81 -5.35 11.89
N GLN D 171 13.78 -4.45 11.81
CA GLN D 171 15.16 -4.85 11.67
C GLN D 171 15.53 -5.49 13.01
N GLY D 172 16.03 -6.73 12.97
CA GLY D 172 16.42 -7.39 14.21
C GLY D 172 15.64 -8.65 14.52
N PHE D 173 14.56 -8.85 13.78
CA PHE D 173 13.69 -10.01 13.93
C PHE D 173 14.23 -11.19 13.11
N LYS D 174 14.45 -12.30 13.79
CA LYS D 174 15.00 -13.49 13.15
C LYS D 174 14.43 -13.86 11.78
N ASN D 175 13.14 -13.67 11.55
CA ASN D 175 12.57 -14.08 10.27
C ASN D 175 12.38 -12.99 9.22
N SER D 176 12.82 -11.77 9.53
CA SER D 176 12.67 -10.67 8.58
C SER D 176 13.28 -10.96 7.22
N PRO D 177 14.58 -11.28 7.16
CA PRO D 177 15.24 -11.58 5.88
C PRO D 177 14.57 -12.72 5.11
N THR D 178 14.00 -13.66 5.84
CA THR D 178 13.32 -14.78 5.23
C THR D 178 11.96 -14.33 4.72
N LEU D 179 11.29 -13.48 5.51
CA LEU D 179 9.97 -12.98 5.14
C LEU D 179 10.02 -11.98 3.99
N PHE D 180 11.03 -11.11 3.98
CA PHE D 180 11.09 -10.17 2.89
C PHE D 180 11.48 -10.86 1.59
N ASP D 181 12.57 -11.63 1.64
CA ASP D 181 13.05 -12.31 0.45
C ASP D 181 11.93 -13.19 -0.11
N GLU D 182 11.24 -13.87 0.78
CA GLU D 182 10.14 -14.75 0.39
C GLU D 182 9.03 -14.00 -0.33
N ALA D 183 8.79 -12.77 0.10
CA ALA D 183 7.76 -11.91 -0.47
C ALA D 183 8.15 -11.29 -1.81
N LEU D 184 9.30 -10.63 -1.83
CA LEU D 184 9.80 -10.02 -3.05
C LEU D 184 9.86 -11.08 -4.14
N HIS D 185 10.21 -12.29 -3.73
CA HIS D 185 10.28 -13.41 -4.65
C HIS D 185 8.87 -13.69 -5.13
N ARG D 186 7.96 -13.79 -4.16
CA ARG D 186 6.55 -14.04 -4.39
C ARG D 186 6.06 -13.14 -5.51
N ASP D 187 6.03 -11.83 -5.25
CA ASP D 187 5.59 -10.88 -6.26
C ASP D 187 6.37 -11.02 -7.56
N LEU D 188 7.63 -10.60 -7.57
CA LEU D 188 8.48 -10.66 -8.78
C LEU D 188 8.43 -11.95 -9.64
N ALA D 189 7.49 -12.84 -9.36
CA ALA D 189 7.36 -14.07 -10.12
C ALA D 189 7.03 -13.83 -11.60
N ASP D 190 5.90 -13.16 -11.86
CA ASP D 190 5.49 -12.90 -13.24
C ASP D 190 6.56 -12.20 -14.06
N PHE D 191 7.22 -11.21 -13.46
CA PHE D 191 8.27 -10.47 -14.15
C PHE D 191 9.15 -11.51 -14.84
N ARG D 192 9.59 -12.51 -14.07
CA ARG D 192 10.43 -13.55 -14.63
C ARG D 192 9.74 -14.17 -15.87
N ILE D 193 8.64 -14.88 -15.66
CA ILE D 193 7.91 -15.52 -16.76
C ILE D 193 7.77 -14.59 -17.99
N GLN D 194 7.65 -13.29 -17.72
CA GLN D 194 7.48 -12.28 -18.75
C GLN D 194 8.79 -11.91 -19.46
N HIS D 195 9.91 -12.22 -18.80
CA HIS D 195 11.25 -11.92 -19.33
C HIS D 195 12.12 -13.16 -19.11
N PRO D 196 11.80 -14.25 -19.82
CA PRO D 196 12.55 -15.50 -19.68
C PRO D 196 14.03 -15.32 -19.98
N ASP D 197 14.32 -14.65 -21.09
CA ASP D 197 15.68 -14.43 -21.53
C ASP D 197 16.40 -13.35 -20.74
N LEU D 198 15.95 -13.14 -19.51
CA LEU D 198 16.54 -12.17 -18.59
C LEU D 198 16.82 -12.89 -17.27
N ILE D 199 18.04 -12.79 -16.76
CA ILE D 199 18.43 -13.45 -15.51
C ILE D 199 18.30 -12.59 -14.26
N LEU D 200 17.36 -12.96 -13.39
CA LEU D 200 17.14 -12.18 -12.18
C LEU D 200 17.57 -12.85 -10.89
N LEU D 201 18.57 -12.25 -10.25
CA LEU D 201 19.05 -12.77 -8.98
C LEU D 201 18.59 -11.88 -7.83
N GLN D 202 18.01 -12.50 -6.80
CA GLN D 202 17.56 -11.73 -5.66
C GLN D 202 17.92 -12.41 -4.35
N TYR D 203 18.68 -11.68 -3.55
CA TYR D 203 19.13 -12.15 -2.26
C TYR D 203 18.60 -11.17 -1.20
N VAL D 204 17.37 -11.40 -0.74
CA VAL D 204 16.75 -10.51 0.24
C VAL D 204 16.51 -9.15 -0.46
N ASP D 205 17.14 -8.07 0.01
CA ASP D 205 16.94 -6.75 -0.59
C ASP D 205 17.99 -6.27 -1.61
N ASP D 206 18.77 -7.20 -2.14
CA ASP D 206 19.78 -6.88 -3.15
C ASP D 206 19.38 -7.57 -4.45
N LEU D 207 19.53 -6.89 -5.58
CA LEU D 207 19.15 -7.53 -6.83
C LEU D 207 20.11 -7.32 -7.98
N LEU D 208 20.24 -8.36 -8.79
CA LEU D 208 21.09 -8.29 -9.94
C LEU D 208 20.36 -8.87 -11.14
N LEU D 209 20.07 -7.99 -12.09
CA LEU D 209 19.42 -8.38 -13.32
C LEU D 209 20.54 -8.62 -14.31
N ALA D 210 20.44 -9.70 -15.07
CA ALA D 210 21.46 -10.03 -16.04
C ALA D 210 20.84 -10.13 -17.41
N ALA D 211 21.51 -9.51 -18.38
CA ALA D 211 21.03 -9.56 -19.75
C ALA D 211 22.20 -9.86 -20.66
N THR D 212 21.87 -10.34 -21.85
CA THR D 212 22.83 -10.71 -22.88
C THR D 212 23.45 -9.48 -23.54
N SER D 213 22.60 -8.57 -24.01
CA SER D 213 23.09 -7.35 -24.65
C SER D 213 22.77 -6.07 -23.91
N GLU D 214 23.58 -5.05 -24.15
CA GLU D 214 23.37 -3.74 -23.55
C GLU D 214 21.92 -3.35 -23.80
N LEU D 215 21.51 -3.50 -25.06
CA LEU D 215 20.14 -3.20 -25.45
C LEU D 215 19.24 -3.98 -24.51
N ASP D 216 19.28 -5.31 -24.67
CA ASP D 216 18.50 -6.25 -23.86
C ASP D 216 18.50 -5.83 -22.40
N CYS D 217 19.67 -5.44 -21.89
CA CYS D 217 19.81 -5.02 -20.49
C CYS D 217 18.97 -3.80 -20.15
N GLN D 218 18.82 -2.88 -21.10
CA GLN D 218 18.02 -1.67 -20.86
C GLN D 218 16.55 -2.03 -20.58
N GLN D 219 15.90 -2.62 -21.58
CA GLN D 219 14.50 -3.03 -21.47
C GLN D 219 14.29 -3.81 -20.18
N GLY D 220 15.29 -4.61 -19.84
CA GLY D 220 15.21 -5.38 -18.64
C GLY D 220 15.04 -4.42 -17.48
N THR D 221 16.07 -3.59 -17.25
CA THR D 221 16.07 -2.61 -16.16
C THR D 221 14.81 -1.74 -16.12
N ARG D 222 14.35 -1.28 -17.28
CA ARG D 222 13.14 -0.48 -17.35
C ARG D 222 12.00 -1.33 -16.81
N ALA D 223 11.72 -2.42 -17.50
CA ALA D 223 10.67 -3.34 -17.08
C ALA D 223 10.70 -3.58 -15.55
N LEU D 224 11.89 -3.76 -15.01
CA LEU D 224 12.08 -4.03 -13.59
C LEU D 224 11.71 -2.83 -12.71
N LEU D 225 12.35 -1.69 -12.97
CA LEU D 225 12.08 -0.47 -12.22
C LEU D 225 10.58 -0.23 -12.27
N GLN D 226 10.02 -0.41 -13.46
CA GLN D 226 8.60 -0.25 -13.71
C GLN D 226 7.79 -1.16 -12.76
N THR D 227 8.32 -2.36 -12.53
CA THR D 227 7.71 -3.37 -11.68
C THR D 227 7.96 -3.11 -10.19
N LEU D 228 9.14 -2.59 -9.85
CA LEU D 228 9.42 -2.29 -8.46
C LEU D 228 8.47 -1.19 -7.99
N GLY D 229 8.10 -0.30 -8.91
CA GLY D 229 7.19 0.77 -8.56
C GLY D 229 5.82 0.26 -8.17
N ASN D 230 5.02 -0.09 -9.18
CA ASN D 230 3.67 -0.60 -9.01
C ASN D 230 3.53 -1.78 -8.04
N LEU D 231 4.63 -2.18 -7.41
CA LEU D 231 4.56 -3.28 -6.45
C LEU D 231 4.76 -2.66 -5.10
N GLY D 232 5.33 -1.46 -5.10
CA GLY D 232 5.56 -0.76 -3.85
C GLY D 232 6.99 -0.84 -3.36
N TYR D 233 7.90 -1.20 -4.26
CA TYR D 233 9.31 -1.32 -3.91
C TYR D 233 10.15 -0.13 -4.39
N ARG D 234 10.95 0.44 -3.47
CA ARG D 234 11.82 1.58 -3.81
C ARG D 234 13.28 1.15 -3.60
N ALA D 235 14.10 1.40 -4.63
CA ALA D 235 15.51 1.04 -4.61
C ALA D 235 16.36 2.30 -4.65
N SER D 236 17.52 2.25 -4.00
CA SER D 236 18.44 3.40 -4.00
C SER D 236 19.01 3.68 -5.39
N ALA D 237 18.52 4.73 -6.04
CA ALA D 237 18.96 5.13 -7.38
C ALA D 237 20.42 5.57 -7.28
N LYS D 238 20.77 6.09 -6.10
CA LYS D 238 22.13 6.52 -5.88
C LYS D 238 23.03 5.31 -6.19
N LYS D 239 23.01 4.35 -5.27
CA LYS D 239 23.79 3.12 -5.36
C LYS D 239 23.68 2.38 -6.69
N ALA D 240 22.50 2.38 -7.29
CA ALA D 240 22.27 1.69 -8.56
C ALA D 240 23.39 1.76 -9.59
N GLN D 241 23.65 0.61 -10.23
CA GLN D 241 24.65 0.47 -11.29
C GLN D 241 23.78 -0.03 -12.43
N ILE D 242 23.53 0.81 -13.43
CA ILE D 242 22.66 0.42 -14.55
C ILE D 242 23.38 0.01 -15.82
N CYS D 243 23.04 -1.17 -16.32
CA CYS D 243 23.61 -1.70 -17.55
C CYS D 243 25.14 -1.58 -17.67
N GLN D 244 25.88 -2.30 -16.83
CA GLN D 244 27.34 -2.22 -16.90
C GLN D 244 28.03 -3.56 -17.09
N LYS D 245 29.08 -3.58 -17.91
CA LYS D 245 29.84 -4.78 -18.19
C LYS D 245 30.53 -5.28 -16.93
N GLN D 246 30.94 -4.35 -16.09
CA GLN D 246 31.58 -4.68 -14.82
C GLN D 246 30.70 -4.05 -13.73
N VAL D 247 30.34 -4.85 -12.75
CA VAL D 247 29.52 -4.36 -11.64
C VAL D 247 30.04 -5.13 -10.45
N LYS D 248 29.55 -4.77 -9.26
CA LYS D 248 29.94 -5.44 -8.02
C LYS D 248 28.63 -5.81 -7.30
N TYR D 249 28.48 -7.08 -6.95
CA TYR D 249 27.24 -7.55 -6.32
C TYR D 249 27.48 -8.63 -5.25
N LEU D 250 26.97 -8.37 -4.05
CA LEU D 250 27.09 -9.29 -2.92
C LEU D 250 28.54 -9.58 -2.56
N GLY D 251 29.30 -8.50 -2.36
CA GLY D 251 30.71 -8.62 -2.01
C GLY D 251 31.57 -9.07 -3.16
N TYR D 252 30.98 -9.86 -4.05
CA TYR D 252 31.67 -10.41 -5.22
C TYR D 252 31.54 -9.54 -6.49
N LEU D 253 32.69 -9.08 -7.02
CA LEU D 253 32.75 -8.25 -8.23
C LEU D 253 32.56 -9.08 -9.52
N LEU D 254 32.07 -8.46 -10.60
CA LEU D 254 31.83 -9.20 -11.85
C LEU D 254 32.21 -8.55 -13.18
N LYS D 255 33.17 -9.17 -13.87
CA LYS D 255 33.62 -8.72 -15.19
C LYS D 255 33.36 -9.93 -16.10
N GLU D 256 34.23 -10.91 -15.99
CA GLU D 256 34.17 -12.17 -16.74
C GLU D 256 34.18 -13.26 -15.66
N GLY D 257 35.31 -13.34 -14.94
CA GLY D 257 35.42 -14.28 -13.84
C GLY D 257 34.72 -13.56 -12.70
N GLN D 258 35.48 -13.10 -11.70
CA GLN D 258 34.90 -12.36 -10.56
C GLN D 258 35.83 -12.09 -9.37
N ARG D 259 35.98 -10.80 -9.07
CA ARG D 259 36.83 -10.28 -7.99
C ARG D 259 38.27 -10.68 -8.20
#